data_3RD7
#
_entry.id   3RD7
#
_cell.length_a   57.750
_cell.length_b   62.800
_cell.length_c   82.220
_cell.angle_alpha   90.00
_cell.angle_beta   99.92
_cell.angle_gamma   90.00
#
_symmetry.space_group_name_H-M   'P 1 21 1'
#
loop_
_entity.id
_entity.type
_entity.pdbx_description
1 polymer 'Acyl-CoA thioesterase'
2 non-polymer 'CHLORIDE ION'
3 water water
#
_entity_poly.entity_id   1
_entity_poly.type   'polypeptide(L)'
_entity_poly.pdbx_seq_one_letter_code
;GSMISTLEDVLSLLDLQQIDDAAFVGTQPDTPNHHIIGSQVAAQALMAAGRTTPGRLAHSMHMYFLRRGDARQPIQYDVT
PLRDGGTISSRRVTASQSGVVLFEALASFTIIADDVDWQQRMPDVAGPSAVHGLEDLLAPYAEEFGDWWPQQRPFTMRYL
DAPPRVALDLSDPPPPRLRIWLRANGEVTDDPLVNSCVVAYLSALTLLECVMTTMRTTPVGPRLSALVDHTIWFHRAADF
TDWLLFDQFSPSIVGRRGLATGTLYNRSGELVCIATQEGYFAEQRQ
;
_entity_poly.pdbx_strand_id   A,B
#
# COMPACT_ATOMS: atom_id res chain seq x y z
N MET A 3 -11.29 15.98 24.74
CA MET A 3 -10.42 15.78 23.55
C MET A 3 -9.39 14.71 23.89
N ILE A 4 -8.90 13.97 22.87
CA ILE A 4 -7.85 12.97 23.11
C ILE A 4 -6.58 13.69 23.53
N SER A 5 -6.16 13.47 24.76
CA SER A 5 -4.97 14.16 25.23
C SER A 5 -3.96 13.23 25.89
N THR A 6 -4.40 12.10 26.45
CA THR A 6 -3.49 11.18 27.12
C THR A 6 -3.33 9.89 26.35
N LEU A 7 -2.28 9.16 26.70
CA LEU A 7 -2.06 7.86 26.07
C LEU A 7 -3.20 6.91 26.46
N GLU A 8 -3.70 7.07 27.70
CA GLU A 8 -4.83 6.28 28.16
C GLU A 8 -6.04 6.50 27.26
N ASP A 9 -6.27 7.75 26.85
CA ASP A 9 -7.37 8.07 25.89
C ASP A 9 -7.25 7.27 24.59
N VAL A 10 -6.03 7.15 24.04
CA VAL A 10 -5.78 6.31 22.87
C VAL A 10 -6.09 4.83 23.16
N LEU A 11 -5.68 4.30 24.31
CA LEU A 11 -5.99 2.91 24.70
C LEU A 11 -7.51 2.72 24.87
N SER A 12 -8.19 3.75 25.33
CA SER A 12 -9.64 3.69 25.43
C SER A 12 -10.29 3.54 24.06
N LEU A 13 -9.70 4.19 23.05
CA LEU A 13 -10.24 4.07 21.70
C LEU A 13 -10.28 2.60 21.28
N LEU A 14 -9.28 1.83 21.72
CA LEU A 14 -9.14 0.45 21.32
C LEU A 14 -10.05 -0.50 22.08
N ASP A 15 -10.78 0.00 23.06
CA ASP A 15 -11.55 -0.85 23.93
C ASP A 15 -12.95 -0.91 23.35
N LEU A 16 -13.15 -1.76 22.34
CA LEU A 16 -14.40 -1.81 21.64
C LEU A 16 -15.40 -2.65 22.43
N GLN A 17 -16.67 -2.31 22.27
CA GLN A 17 -17.78 -3.07 22.86
C GLN A 17 -18.29 -4.05 21.85
N GLN A 18 -18.24 -5.34 22.14
CA GLN A 18 -18.79 -6.30 21.19
C GLN A 18 -20.31 -6.27 21.29
N ILE A 19 -20.99 -6.12 20.15
CA ILE A 19 -22.46 -6.09 20.16
C ILE A 19 -23.14 -7.27 19.45
N ASP A 20 -22.34 -8.14 18.82
CA ASP A 20 -22.84 -9.29 18.09
C ASP A 20 -21.59 -10.13 17.81
N ASP A 21 -21.75 -11.34 17.29
CA ASP A 21 -20.59 -12.23 17.06
C ASP A 21 -19.43 -11.62 16.29
N ALA A 22 -19.74 -10.77 15.31
CA ALA A 22 -18.70 -10.16 14.47
C ALA A 22 -18.95 -8.63 14.26
N ALA A 23 -19.56 -8.01 15.28
CA ALA A 23 -19.87 -6.58 15.26
C ALA A 23 -19.43 -5.97 16.56
N PHE A 24 -18.77 -4.82 16.44
CA PHE A 24 -18.22 -4.08 17.55
C PHE A 24 -18.50 -2.59 17.42
N VAL A 25 -18.57 -1.90 18.54
CA VAL A 25 -18.83 -0.47 18.55
C VAL A 25 -17.69 0.24 19.24
N GLY A 26 -17.22 1.31 18.61
CA GLY A 26 -16.18 2.15 19.15
C GLY A 26 -16.75 3.52 19.38
N THR A 27 -16.13 4.25 20.31
CA THR A 27 -16.47 5.63 20.48
C THR A 27 -15.24 6.47 20.71
N GLN A 28 -15.46 7.76 20.91
CA GLN A 28 -14.39 8.74 21.01
C GLN A 28 -14.92 10.09 21.50
N PRO A 29 -14.04 10.96 21.99
CA PRO A 29 -14.47 12.34 22.27
C PRO A 29 -14.67 13.16 21.00
N ASP A 30 -15.48 14.22 21.10
CA ASP A 30 -15.71 15.12 19.97
C ASP A 30 -14.41 15.90 19.64
N THR A 31 -14.31 16.36 18.39
CA THR A 31 -13.15 17.07 17.86
C THR A 31 -13.63 18.50 17.46
N PRO A 32 -12.71 19.42 17.15
CA PRO A 32 -13.17 20.80 16.90
C PRO A 32 -13.99 20.96 15.62
N ASN A 33 -13.58 20.28 14.56
CA ASN A 33 -14.36 20.25 13.32
C ASN A 33 -15.35 19.07 13.27
N HIS A 34 -15.45 18.30 14.36
CA HIS A 34 -16.34 17.13 14.46
C HIS A 34 -15.99 15.94 13.56
N HIS A 35 -14.79 15.97 12.98
CA HIS A 35 -14.33 14.90 12.14
C HIS A 35 -13.59 13.84 12.95
N ILE A 36 -13.75 12.59 12.55
CA ILE A 36 -12.99 11.48 13.10
C ILE A 36 -11.73 11.44 12.27
N ILE A 37 -10.58 11.29 12.92
CA ILE A 37 -9.36 11.17 12.17
C ILE A 37 -9.07 9.72 11.75
N GLY A 38 -8.33 9.60 10.66
CA GLY A 38 -8.02 8.30 10.07
C GLY A 38 -7.31 7.38 11.03
N SER A 39 -6.40 7.91 11.83
CA SER A 39 -5.71 7.09 12.81
C SER A 39 -6.65 6.30 13.74
N GLN A 40 -7.70 6.95 14.23
CA GLN A 40 -8.65 6.26 15.10
C GLN A 40 -9.31 5.09 14.38
N VAL A 41 -9.79 5.30 13.17
CA VAL A 41 -10.62 4.30 12.48
C VAL A 41 -9.71 3.15 12.07
N ALA A 42 -8.47 3.45 11.68
CA ALA A 42 -7.49 2.40 11.40
C ALA A 42 -7.28 1.51 12.59
N ALA A 43 -6.94 2.12 13.73
CA ALA A 43 -6.63 1.36 14.93
C ALA A 43 -7.84 0.57 15.43
N GLN A 44 -9.00 1.20 15.46
CA GLN A 44 -10.22 0.51 15.93
C GLN A 44 -10.59 -0.64 14.96
N ALA A 45 -10.51 -0.38 13.65
CA ALA A 45 -10.83 -1.44 12.66
C ALA A 45 -9.93 -2.66 12.83
N LEU A 46 -8.65 -2.40 13.08
CA LEU A 46 -7.68 -3.46 13.29
C LEU A 46 -7.98 -4.24 14.53
N MET A 47 -8.38 -3.55 15.60
CA MET A 47 -8.77 -4.24 16.83
C MET A 47 -9.99 -5.16 16.58
N ALA A 48 -11.00 -4.65 15.88
CA ALA A 48 -12.20 -5.43 15.59
C ALA A 48 -11.84 -6.70 14.80
N ALA A 49 -11.01 -6.56 13.77
CA ALA A 49 -10.56 -7.66 12.96
C ALA A 49 -9.79 -8.64 13.81
N GLY A 50 -8.88 -8.11 14.63
CA GLY A 50 -7.97 -8.96 15.41
C GLY A 50 -8.73 -9.80 16.41
N ARG A 51 -9.81 -9.25 16.96
CA ARG A 51 -10.61 -9.97 17.93
C ARG A 51 -11.37 -11.15 17.31
N THR A 52 -11.58 -11.10 16.00
CA THR A 52 -12.21 -12.22 15.31
C THR A 52 -11.17 -13.24 14.82
N THR A 53 -9.90 -12.98 15.10
CA THR A 53 -8.78 -13.86 14.74
C THR A 53 -7.86 -14.03 15.95
N PRO A 54 -8.39 -14.63 17.03
CA PRO A 54 -7.76 -14.46 18.33
C PRO A 54 -6.35 -15.08 18.42
N GLY A 55 -5.39 -14.32 18.95
CA GLY A 55 -4.01 -14.79 19.06
C GLY A 55 -3.11 -14.60 17.83
N ARG A 56 -3.69 -14.35 16.66
CA ARG A 56 -2.90 -14.16 15.44
C ARG A 56 -2.36 -12.75 15.40
N LEU A 57 -1.22 -12.56 14.75
CA LEU A 57 -0.55 -11.27 14.72
C LEU A 57 -0.88 -10.49 13.45
N ALA A 58 -1.20 -9.21 13.60
CA ALA A 58 -1.51 -8.37 12.47
C ALA A 58 -0.29 -8.32 11.61
N HIS A 59 -0.46 -8.48 10.30
CA HIS A 59 0.68 -8.32 9.40
C HIS A 59 0.42 -7.29 8.29
N SER A 60 -0.83 -7.05 7.90
CA SER A 60 -1.11 -5.98 6.96
C SER A 60 -2.57 -5.55 7.02
N MET A 61 -2.83 -4.36 6.55
CA MET A 61 -4.19 -3.86 6.42
C MET A 61 -4.23 -2.77 5.36
N HIS A 62 -5.25 -2.83 4.52
CA HIS A 62 -5.49 -1.89 3.44
C HIS A 62 -6.85 -1.27 3.67
N MET A 63 -6.96 0.04 3.50
CA MET A 63 -8.26 0.65 3.71
C MET A 63 -8.55 1.81 2.81
N TYR A 64 -9.85 2.04 2.55
CA TYR A 64 -10.32 3.19 1.82
C TYR A 64 -11.30 3.96 2.69
N PHE A 65 -11.10 5.25 2.78
CA PHE A 65 -12.03 6.13 3.47
C PHE A 65 -13.02 6.68 2.45
N LEU A 66 -14.31 6.39 2.65
CA LEU A 66 -15.36 6.73 1.70
C LEU A 66 -16.07 7.99 2.13
N ARG A 67 -16.46 8.00 3.40
CA ARG A 67 -17.18 9.09 3.96
C ARG A 67 -16.64 9.35 5.37
N ARG A 68 -16.53 10.61 5.73
CA ARG A 68 -15.79 10.94 6.94
C ARG A 68 -16.69 10.84 8.18
N GLY A 69 -16.20 10.19 9.23
CA GLY A 69 -17.00 9.94 10.42
C GLY A 69 -17.26 11.20 11.22
N ASP A 70 -18.42 11.21 11.90
CA ASP A 70 -18.82 12.28 12.83
C ASP A 70 -18.44 11.89 14.29
N ALA A 71 -17.55 12.69 14.86
CA ALA A 71 -16.95 12.44 16.18
C ALA A 71 -17.93 12.57 17.32
N ARG A 72 -19.17 12.96 17.02
CA ARG A 72 -20.20 13.02 18.06
C ARG A 72 -21.01 11.75 18.23
N GLN A 73 -20.87 10.78 17.30
CA GLN A 73 -21.62 9.51 17.34
CA GLN A 73 -21.60 9.52 17.43
C GLN A 73 -20.64 8.32 17.42
N PRO A 74 -21.07 7.18 17.98
CA PRO A 74 -20.23 6.01 17.92
C PRO A 74 -20.04 5.47 16.50
N ILE A 75 -19.13 4.52 16.34
CA ILE A 75 -18.87 3.89 15.04
C ILE A 75 -19.02 2.37 15.19
N GLN A 76 -19.75 1.74 14.28
CA GLN A 76 -19.93 0.29 14.32
C GLN A 76 -19.01 -0.33 13.31
N TYR A 77 -18.33 -1.38 13.76
CA TYR A 77 -17.37 -2.12 12.95
C TYR A 77 -17.91 -3.51 12.74
N ASP A 78 -18.17 -3.87 11.48
CA ASP A 78 -18.69 -5.19 11.15
C ASP A 78 -17.60 -5.95 10.42
N VAL A 79 -17.28 -7.14 10.92
CA VAL A 79 -16.17 -7.95 10.40
C VAL A 79 -16.70 -9.15 9.64
N THR A 80 -16.14 -9.40 8.46
CA THR A 80 -16.44 -10.60 7.68
C THR A 80 -15.17 -11.43 7.45
N PRO A 81 -15.19 -12.70 7.89
CA PRO A 81 -14.09 -13.61 7.59
C PRO A 81 -13.98 -13.88 6.10
N LEU A 82 -12.80 -13.73 5.52
CA LEU A 82 -12.61 -14.03 4.12
C LEU A 82 -11.91 -15.38 3.96
N ARG A 83 -10.88 -15.63 4.74
CA ARG A 83 -10.22 -16.92 4.73
C ARG A 83 -9.55 -17.18 6.09
N ASP A 84 -9.55 -18.43 6.50
CA ASP A 84 -8.90 -18.90 7.72
C ASP A 84 -7.93 -20.02 7.34
N GLY A 85 -6.68 -19.62 7.13
CA GLY A 85 -5.61 -20.57 6.83
C GLY A 85 -4.78 -20.84 8.07
N GLY A 86 -3.93 -21.86 7.96
CA GLY A 86 -3.05 -22.25 9.05
C GLY A 86 -2.00 -21.21 9.36
N THR A 87 -1.60 -20.41 8.36
CA THR A 87 -0.58 -19.41 8.61
C THR A 87 -1.15 -18.01 8.45
N ILE A 88 -1.94 -17.77 7.40
CA ILE A 88 -2.57 -16.47 7.17
C ILE A 88 -4.11 -16.54 7.23
N SER A 89 -4.69 -15.53 7.87
CA SER A 89 -6.13 -15.35 7.89
CA SER A 89 -6.15 -15.34 7.95
C SER A 89 -6.49 -13.91 7.53
N SER A 90 -7.66 -13.76 6.92
CA SER A 90 -8.05 -12.51 6.27
C SER A 90 -9.46 -12.11 6.68
N ARG A 91 -9.65 -10.82 6.85
CA ARG A 91 -10.89 -10.24 7.35
C ARG A 91 -11.23 -8.97 6.56
N ARG A 92 -12.51 -8.77 6.26
CA ARG A 92 -13.00 -7.46 5.81
C ARG A 92 -13.56 -6.77 7.03
N VAL A 93 -13.36 -5.45 7.14
CA VAL A 93 -14.01 -4.65 8.18
C VAL A 93 -14.70 -3.47 7.54
N THR A 94 -15.98 -3.35 7.82
CA THR A 94 -16.74 -2.19 7.36
C THR A 94 -17.08 -1.32 8.54
N ALA A 95 -16.85 -0.01 8.44
CA ALA A 95 -17.16 0.93 9.51
C ALA A 95 -18.34 1.78 9.10
N SER A 96 -19.32 1.92 9.99
N SER A 96 -19.34 1.90 9.97
CA SER A 96 -20.58 2.57 9.67
CA SER A 96 -20.57 2.60 9.65
C SER A 96 -21.05 3.49 10.81
C SER A 96 -21.08 3.47 10.80
N GLN A 97 -21.86 4.50 10.46
CA GLN A 97 -22.59 5.32 11.46
C GLN A 97 -24.00 5.53 10.91
N SER A 98 -25.00 5.11 11.67
CA SER A 98 -26.41 5.13 11.26
CA SER A 98 -26.41 5.12 11.26
C SER A 98 -26.63 4.63 9.82
N GLY A 99 -26.01 3.51 9.51
CA GLY A 99 -26.24 2.82 8.25
C GLY A 99 -25.44 3.42 7.13
N VAL A 100 -24.64 4.45 7.40
CA VAL A 100 -23.80 5.07 6.40
C VAL A 100 -22.41 4.47 6.51
N VAL A 101 -21.92 3.87 5.44
CA VAL A 101 -20.59 3.26 5.44
C VAL A 101 -19.50 4.33 5.34
N LEU A 102 -18.63 4.34 6.32
CA LEU A 102 -17.55 5.30 6.36
C LEU A 102 -16.30 4.79 5.64
N PHE A 103 -16.03 3.48 5.71
CA PHE A 103 -14.68 2.97 5.48
C PHE A 103 -14.83 1.49 5.23
N GLU A 104 -13.99 0.95 4.33
CA GLU A 104 -13.85 -0.48 4.15
C GLU A 104 -12.39 -0.81 4.21
N ALA A 105 -12.10 -1.90 4.90
CA ALA A 105 -10.73 -2.35 5.04
C ALA A 105 -10.62 -3.83 4.81
N LEU A 106 -9.40 -4.26 4.48
CA LEU A 106 -9.04 -5.66 4.35
C LEU A 106 -7.80 -5.79 5.20
N ALA A 107 -7.79 -6.76 6.11
CA ALA A 107 -6.72 -6.96 7.09
C ALA A 107 -6.31 -8.41 7.06
N SER A 108 -5.04 -8.66 7.32
CA SER A 108 -4.47 -10.01 7.23
C SER A 108 -3.61 -10.25 8.45
N PHE A 109 -3.67 -11.48 8.97
CA PHE A 109 -3.06 -11.85 10.24
C PHE A 109 -2.29 -13.11 10.03
N THR A 110 -1.21 -13.28 10.78
CA THR A 110 -0.37 -14.46 10.62
C THR A 110 0.01 -15.11 11.96
N ILE A 111 0.62 -16.29 11.88
CA ILE A 111 1.22 -16.92 13.05
C ILE A 111 2.69 -16.49 13.01
N ILE A 112 3.35 -16.44 14.16
CA ILE A 112 4.78 -16.12 14.19
C ILE A 112 5.54 -17.28 13.55
N ALA A 113 6.63 -16.94 12.86
CA ALA A 113 7.44 -17.91 12.14
C ALA A 113 8.89 -17.42 12.14
N ASP A 114 9.83 -18.29 12.51
CA ASP A 114 11.26 -17.92 12.47
C ASP A 114 11.77 -18.26 11.07
N ASP A 115 12.25 -17.25 10.37
CA ASP A 115 12.75 -17.42 9.02
C ASP A 115 13.74 -16.29 8.72
N VAL A 116 13.96 -15.98 7.45
CA VAL A 116 14.89 -14.93 7.08
C VAL A 116 14.34 -13.62 7.66
N ASP A 117 15.20 -12.91 8.39
CA ASP A 117 14.83 -11.69 9.05
C ASP A 117 15.85 -10.63 8.65
N TRP A 118 15.47 -9.80 7.68
CA TRP A 118 16.35 -8.81 7.10
C TRP A 118 15.62 -7.47 6.98
N GLN A 119 16.38 -6.38 7.12
CA GLN A 119 15.84 -5.04 6.88
C GLN A 119 16.90 -4.07 6.45
N GLN A 120 16.46 -3.04 5.73
CA GLN A 120 17.29 -1.86 5.55
C GLN A 120 17.66 -1.25 6.90
N ARG A 121 18.77 -0.54 6.89
CA ARG A 121 19.26 0.08 8.10
C ARG A 121 18.49 1.39 8.31
N MET A 122 18.15 1.71 9.55
CA MET A 122 17.56 3.00 9.89
C MET A 122 18.46 4.15 9.43
N PRO A 123 17.86 5.24 8.92
CA PRO A 123 18.73 6.33 8.53
C PRO A 123 19.50 6.95 9.70
N ASP A 124 20.67 7.44 9.36
CA ASP A 124 21.55 8.11 10.30
CA ASP A 124 21.53 8.10 10.33
C ASP A 124 21.02 9.53 10.50
N VAL A 125 20.27 9.76 11.58
CA VAL A 125 19.73 11.11 11.87
C VAL A 125 20.08 11.55 13.29
N ALA A 126 19.99 12.86 13.56
CA ALA A 126 20.14 13.43 14.91
C ALA A 126 19.14 12.74 15.86
N GLY A 127 19.56 12.50 17.11
CA GLY A 127 18.90 11.56 18.06
C GLY A 127 17.84 12.42 18.65
N PRO A 128 16.93 11.83 19.43
CA PRO A 128 15.80 12.63 19.88
C PRO A 128 16.18 13.80 20.76
N SER A 129 17.27 13.65 21.51
CA SER A 129 17.71 14.68 22.41
C SER A 129 18.15 15.93 21.67
N ALA A 130 18.57 15.80 20.41
CA ALA A 130 19.06 17.00 19.68
C ALA A 130 17.91 17.94 19.21
N VAL A 131 16.68 17.46 19.32
CA VAL A 131 15.60 17.89 18.45
C VAL A 131 14.50 18.63 19.21
N HIS A 132 13.99 19.67 18.54
CA HIS A 132 12.94 20.51 19.10
C HIS A 132 11.60 19.78 19.15
N GLY A 133 10.85 20.05 20.21
CA GLY A 133 9.51 19.54 20.41
C GLY A 133 8.48 20.32 19.61
N LEU A 134 7.39 19.63 19.24
CA LEU A 134 6.35 20.22 18.42
C LEU A 134 5.71 21.48 19.04
N GLU A 135 5.40 21.39 20.34
CA GLU A 135 4.78 22.49 21.09
C GLU A 135 5.61 23.77 21.05
N ASP A 136 6.93 23.66 21.23
CA ASP A 136 7.80 24.83 21.19
C ASP A 136 7.89 25.36 19.76
N LEU A 137 7.94 24.45 18.80
CA LEU A 137 7.91 24.86 17.38
C LEU A 137 6.62 25.62 16.97
N LEU A 138 5.47 25.24 17.52
CA LEU A 138 4.20 25.90 17.16
C LEU A 138 3.88 27.14 18.01
N ALA A 139 4.70 27.41 19.04
CA ALA A 139 4.43 28.49 20.01
C ALA A 139 4.05 29.83 19.39
N PRO A 140 4.77 30.26 18.34
CA PRO A 140 4.37 31.52 17.75
C PRO A 140 2.93 31.56 17.21
N TYR A 141 2.32 30.40 16.99
CA TYR A 141 1.02 30.37 16.36
C TYR A 141 -0.08 30.05 17.35
N ALA A 142 0.24 30.19 18.63
CA ALA A 142 -0.67 29.71 19.69
C ALA A 142 -2.05 30.34 19.56
N GLU A 143 -2.10 31.64 19.25
CA GLU A 143 -3.36 32.36 19.14
C GLU A 143 -4.29 31.78 18.07
N GLU A 144 -3.73 31.12 17.04
CA GLU A 144 -4.54 30.52 15.97
C GLU A 144 -5.30 29.27 16.40
N PHE A 145 -4.86 28.66 17.49
CA PHE A 145 -5.50 27.47 17.99
C PHE A 145 -6.46 27.81 19.13
N GLN A 152 -1.97 18.91 26.40
CA GLN A 152 -1.52 17.55 26.62
C GLN A 152 -1.81 16.68 25.35
N ARG A 153 -0.84 15.83 24.97
CA ARG A 153 -0.97 14.96 23.81
C ARG A 153 -0.57 13.53 24.23
N PRO A 154 -1.03 12.52 23.50
CA PRO A 154 -0.67 11.12 23.88
C PRO A 154 0.80 10.73 23.61
N PHE A 155 1.42 11.38 22.63
CA PHE A 155 2.83 11.17 22.29
C PHE A 155 3.59 12.50 22.30
N THR A 156 4.78 12.48 22.86
CA THR A 156 5.71 13.55 22.65
C THR A 156 6.20 13.43 21.23
N MET A 157 6.34 14.55 20.53
CA MET A 157 6.84 14.55 19.18
C MET A 157 7.92 15.62 19.00
N ARG A 158 9.08 15.20 18.48
CA ARG A 158 10.21 16.08 18.18
C ARG A 158 10.50 16.02 16.71
N TYR A 159 10.39 17.18 16.06
CA TYR A 159 10.44 17.26 14.60
C TYR A 159 11.81 17.63 14.12
N LEU A 160 12.41 16.80 13.29
CA LEU A 160 13.71 17.11 12.69
C LEU A 160 13.54 18.11 11.53
N ASP A 161 12.34 18.16 10.98
CA ASP A 161 12.01 19.08 9.88
C ASP A 161 10.83 19.94 10.31
N ALA A 162 10.73 21.14 9.74
CA ALA A 162 9.65 22.03 10.12
C ALA A 162 8.26 21.42 9.96
N PRO A 163 7.43 21.53 11.00
CA PRO A 163 6.05 21.13 10.83
C PRO A 163 5.32 22.03 9.84
N PRO A 164 4.19 21.56 9.29
CA PRO A 164 3.50 22.35 8.26
C PRO A 164 3.24 23.82 8.58
N ARG A 165 2.81 24.16 9.78
CA ARG A 165 2.54 25.58 10.09
C ARG A 165 3.81 26.41 10.09
N VAL A 166 4.92 25.82 10.50
CA VAL A 166 6.19 26.51 10.54
C VAL A 166 6.70 26.66 9.10
N ALA A 167 6.61 25.56 8.35
CA ALA A 167 7.01 25.52 6.95
C ALA A 167 6.27 26.63 6.12
N LEU A 168 5.00 26.87 6.45
CA LEU A 168 4.20 27.87 5.71
C LEU A 168 4.79 29.29 5.76
N ASP A 169 5.61 29.59 6.77
CA ASP A 169 6.27 30.89 6.87
C ASP A 169 7.70 30.90 6.34
N LEU A 170 8.16 29.76 5.83
CA LEU A 170 9.42 29.74 5.10
C LEU A 170 9.14 30.36 3.71
N SER A 171 10.13 31.01 3.15
CA SER A 171 9.93 31.64 1.84
C SER A 171 9.29 30.68 0.80
N ASP A 172 9.82 29.46 0.71
CA ASP A 172 9.39 28.44 -0.25
C ASP A 172 9.07 27.14 0.50
N PRO A 173 8.15 26.33 -0.04
CA PRO A 173 7.86 25.06 0.62
C PRO A 173 9.10 24.13 0.62
N PRO A 174 9.41 23.50 1.77
CA PRO A 174 10.65 22.67 1.81
C PRO A 174 10.48 21.37 1.03
N PRO A 175 11.55 20.56 0.90
CA PRO A 175 11.37 19.25 0.26
C PRO A 175 10.40 18.36 1.09
N PRO A 176 9.52 17.56 0.44
CA PRO A 176 8.55 16.71 1.11
C PRO A 176 9.16 15.48 1.84
N ARG A 177 9.89 15.79 2.91
CA ARG A 177 10.49 14.79 3.79
C ARG A 177 10.24 15.31 5.21
N LEU A 178 9.87 14.40 6.11
CA LEU A 178 9.60 14.79 7.48
C LEU A 178 10.01 13.63 8.37
N ARG A 179 10.92 13.91 9.29
CA ARG A 179 11.39 12.91 10.25
C ARG A 179 10.96 13.37 11.62
N ILE A 180 10.27 12.48 12.35
CA ILE A 180 9.79 12.78 13.68
C ILE A 180 10.18 11.68 14.66
N TRP A 181 10.74 12.09 15.79
CA TRP A 181 10.95 11.22 16.94
C TRP A 181 9.69 11.27 17.82
N LEU A 182 9.20 10.10 18.18
CA LEU A 182 7.91 9.94 18.87
C LEU A 182 8.09 9.11 20.13
N ARG A 183 7.47 9.52 21.24
CA ARG A 183 7.49 8.71 22.45
C ARG A 183 6.14 8.71 23.14
N ALA A 184 5.66 7.52 23.49
CA ALA A 184 4.38 7.39 24.19
C ALA A 184 4.46 8.03 25.57
N ASN A 185 3.47 8.88 25.90
CA ASN A 185 3.39 9.53 27.23
C ASN A 185 2.67 8.65 28.28
N GLY A 186 3.23 7.48 28.50
CA GLY A 186 2.63 6.50 29.39
C GLY A 186 3.00 5.12 28.91
N GLU A 187 2.33 4.09 29.44
CA GLU A 187 2.68 2.69 29.19
C GLU A 187 1.65 2.09 28.24
N VAL A 188 2.12 1.53 27.14
CA VAL A 188 1.23 0.80 26.26
C VAL A 188 1.10 -0.61 26.80
N THR A 189 -0.14 -1.07 26.91
CA THR A 189 -0.45 -2.43 27.37
C THR A 189 0.42 -3.50 26.71
N ASP A 190 0.87 -4.47 27.50
CA ASP A 190 1.72 -5.53 26.98
C ASP A 190 0.82 -6.61 26.35
N ASP A 191 0.31 -6.32 25.16
CA ASP A 191 -0.61 -7.21 24.41
C ASP A 191 -0.33 -6.99 22.93
N PRO A 192 -0.06 -8.07 22.17
CA PRO A 192 0.40 -7.91 20.80
C PRO A 192 -0.58 -7.17 19.89
N LEU A 193 -1.88 -7.38 20.09
CA LEU A 193 -2.88 -6.73 19.24
C LEU A 193 -2.97 -5.25 19.61
N VAL A 194 -2.96 -4.93 20.90
CA VAL A 194 -2.93 -3.52 21.31
C VAL A 194 -1.67 -2.86 20.72
N ASN A 195 -0.53 -3.54 20.81
CA ASN A 195 0.71 -2.98 20.25
C ASN A 195 0.53 -2.59 18.78
N SER A 196 -0.01 -3.51 17.99
CA SER A 196 -0.18 -3.28 16.58
C SER A 196 -1.21 -2.18 16.35
N CYS A 197 -2.25 -2.11 17.17
CA CYS A 197 -3.26 -1.07 16.96
C CYS A 197 -2.72 0.34 17.25
N VAL A 198 -1.85 0.45 18.26
CA VAL A 198 -1.16 1.71 18.54
C VAL A 198 -0.20 2.08 17.39
N VAL A 199 0.56 1.10 16.89
CA VAL A 199 1.33 1.31 15.66
C VAL A 199 0.43 1.82 14.54
N ALA A 200 -0.72 1.17 14.35
CA ALA A 200 -1.66 1.62 13.31
C ALA A 200 -2.07 3.10 13.49
N TYR A 201 -2.38 3.46 14.71
CA TYR A 201 -2.76 4.83 15.06
C TYR A 201 -1.63 5.82 14.68
N LEU A 202 -0.41 5.52 15.14
CA LEU A 202 0.72 6.36 14.78
C LEU A 202 1.01 6.40 13.29
N SER A 203 0.79 5.29 12.58
CA SER A 203 1.16 5.21 11.16
C SER A 203 0.41 6.21 10.30
N ALA A 204 -0.80 6.58 10.72
CA ALA A 204 -1.60 7.53 9.97
C ALA A 204 -1.72 8.90 10.59
N LEU A 205 -1.03 9.15 11.70
CA LEU A 205 -1.27 10.35 12.44
C LEU A 205 -0.64 11.61 11.81
N THR A 206 0.67 11.59 11.57
CA THR A 206 1.38 12.70 10.96
C THR A 206 1.74 12.47 9.49
N LEU A 207 1.36 11.32 8.94
CA LEU A 207 1.94 10.85 7.68
C LEU A 207 1.70 11.80 6.49
N LEU A 208 0.54 12.47 6.44
CA LEU A 208 0.28 13.40 5.33
C LEU A 208 0.97 14.77 5.50
N GLU A 209 1.60 15.01 6.64
CA GLU A 209 2.16 16.32 6.87
C GLU A 209 3.24 16.73 5.85
N CYS A 210 4.11 15.81 5.43
CA CYS A 210 5.16 16.15 4.44
C CYS A 210 4.51 16.58 3.12
N VAL A 211 3.34 16.03 2.80
CA VAL A 211 2.60 16.46 1.57
C VAL A 211 1.99 17.85 1.78
N MET A 212 1.38 18.06 2.93
CA MET A 212 0.77 19.36 3.26
C MET A 212 1.77 20.51 3.07
N THR A 213 2.96 20.29 3.57
CA THR A 213 4.02 21.27 3.43
C THR A 213 4.32 21.61 1.98
N THR A 214 4.41 20.62 1.11
CA THR A 214 4.62 20.87 -0.33
C THR A 214 3.40 21.53 -0.96
N MET A 215 2.21 21.22 -0.45
CA MET A 215 0.96 21.83 -0.90
C MET A 215 0.71 23.20 -0.25
N ARG A 216 1.64 23.70 0.55
CA ARG A 216 1.47 25.00 1.25
C ARG A 216 0.18 25.08 2.11
N THR A 217 -0.02 24.07 2.92
CA THR A 217 -1.16 24.03 3.82
C THR A 217 -0.76 23.28 5.09
N THR A 218 -1.71 23.14 6.00
CA THR A 218 -1.52 22.55 7.29
C THR A 218 -2.74 21.70 7.59
N PRO A 219 -2.70 20.94 8.70
CA PRO A 219 -3.90 20.15 9.02
C PRO A 219 -5.21 20.95 9.17
N VAL A 220 -5.13 22.24 9.53
CA VAL A 220 -6.32 23.05 9.67
C VAL A 220 -6.48 24.10 8.58
N GLY A 221 -5.69 24.00 7.50
CA GLY A 221 -5.89 24.83 6.35
C GLY A 221 -4.67 25.69 6.01
N PRO A 222 -4.82 26.59 5.03
CA PRO A 222 -6.11 26.98 4.49
C PRO A 222 -6.75 26.00 3.53
N ARG A 223 -5.96 25.14 2.91
CA ARG A 223 -6.50 24.16 2.03
C ARG A 223 -6.70 22.88 2.83
N LEU A 224 -7.93 22.40 2.85
CA LEU A 224 -8.26 21.22 3.66
C LEU A 224 -8.08 19.94 2.82
N SER A 225 -7.86 18.83 3.51
CA SER A 225 -7.63 17.55 2.89
C SER A 225 -8.44 16.46 3.55
N ALA A 226 -8.55 15.34 2.86
CA ALA A 226 -9.15 14.11 3.41
C ALA A 226 -8.34 12.93 2.90
N LEU A 227 -8.12 11.95 3.76
CA LEU A 227 -7.44 10.73 3.33
C LEU A 227 -8.33 9.97 2.39
N VAL A 228 -7.75 9.37 1.38
CA VAL A 228 -8.50 8.51 0.50
C VAL A 228 -8.26 7.06 0.90
N ASP A 229 -7.01 6.73 1.22
CA ASP A 229 -6.71 5.39 1.65
C ASP A 229 -5.63 5.42 2.72
N HIS A 230 -5.32 4.25 3.24
CA HIS A 230 -4.18 4.06 4.13
C HIS A 230 -3.79 2.57 4.07
N THR A 231 -2.50 2.26 4.15
CA THR A 231 -2.03 0.89 4.06
C THR A 231 -0.89 0.72 5.04
N ILE A 232 -0.81 -0.44 5.68
CA ILE A 232 0.23 -0.68 6.66
C ILE A 232 0.70 -2.11 6.53
N TRP A 233 2.01 -2.32 6.64
CA TRP A 233 2.60 -3.66 6.72
C TRP A 233 3.38 -3.66 8.01
N PHE A 234 3.02 -4.58 8.93
CA PHE A 234 3.62 -4.71 10.26
C PHE A 234 4.64 -5.83 10.25
N HIS A 235 5.90 -5.50 10.53
CA HIS A 235 6.92 -6.53 10.52
C HIS A 235 7.51 -6.90 11.86
N ARG A 236 7.73 -5.90 12.71
CA ARG A 236 8.35 -6.15 14.03
C ARG A 236 7.65 -5.30 15.10
N ALA A 237 7.61 -5.84 16.31
CA ALA A 237 6.92 -5.20 17.42
C ALA A 237 7.53 -3.84 17.75
N ALA A 238 6.68 -2.85 17.97
CA ALA A 238 7.09 -1.56 18.48
C ALA A 238 7.49 -1.71 19.92
N ASP A 239 8.60 -1.07 20.32
CA ASP A 239 8.99 -0.96 21.72
C ASP A 239 8.58 0.42 22.27
N PHE A 240 7.40 0.48 22.89
CA PHE A 240 6.90 1.77 23.36
C PHE A 240 7.54 2.28 24.65
N THR A 241 8.50 1.55 25.19
CA THR A 241 9.26 2.01 26.36
C THR A 241 10.37 2.97 25.96
N ASP A 242 10.57 3.21 24.65
CA ASP A 242 11.57 4.18 24.23
C ASP A 242 11.06 4.91 22.98
N TRP A 243 11.86 5.86 22.50
CA TRP A 243 11.52 6.61 21.29
C TRP A 243 11.42 5.72 20.05
N LEU A 244 10.63 6.20 19.08
CA LEU A 244 10.54 5.63 17.77
C LEU A 244 10.79 6.74 16.78
N LEU A 245 11.36 6.40 15.65
CA LEU A 245 11.58 7.33 14.55
C LEU A 245 10.60 7.03 13.42
N PHE A 246 9.90 8.05 12.94
CA PHE A 246 8.99 7.93 11.83
C PHE A 246 9.57 8.75 10.68
N ASP A 247 10.04 8.03 9.67
CA ASP A 247 10.74 8.59 8.50
C ASP A 247 9.75 8.63 7.33
N GLN A 248 9.29 9.84 6.99
CA GLN A 248 8.17 10.05 6.06
C GLN A 248 8.62 10.86 4.89
N PHE A 249 8.09 10.53 3.72
CA PHE A 249 8.36 11.31 2.53
C PHE A 249 7.24 11.17 1.50
N SER A 250 7.22 12.10 0.55
CA SER A 250 6.31 11.98 -0.61
C SER A 250 7.08 11.74 -1.91
N PRO A 251 6.78 10.64 -2.61
CA PRO A 251 7.39 10.47 -3.94
C PRO A 251 6.71 11.21 -5.07
N SER A 252 5.46 11.60 -4.87
CA SER A 252 4.66 12.19 -5.95
C SER A 252 3.36 12.76 -5.44
N ILE A 253 3.01 13.90 -6.04
CA ILE A 253 1.80 14.67 -5.81
C ILE A 253 1.32 15.08 -7.19
N VAL A 254 0.05 14.80 -7.50
CA VAL A 254 -0.51 15.18 -8.76
C VAL A 254 -2.03 15.21 -8.66
N GLY A 255 -2.65 16.07 -9.43
CA GLY A 255 -4.11 15.99 -9.61
C GLY A 255 -4.96 16.08 -8.34
N ARG A 256 -4.50 16.90 -7.39
CA ARG A 256 -5.10 17.12 -6.06
C ARG A 256 -4.76 16.06 -5.03
N ARG A 257 -4.02 15.04 -5.42
CA ARG A 257 -3.69 13.91 -4.57
C ARG A 257 -2.21 13.97 -4.21
N GLY A 258 -1.88 13.63 -2.99
CA GLY A 258 -0.50 13.54 -2.58
C GLY A 258 -0.27 12.19 -1.92
N LEU A 259 0.76 11.46 -2.37
CA LEU A 259 1.10 10.17 -1.77
C LEU A 259 2.20 10.32 -0.69
N ALA A 260 1.99 9.74 0.48
CA ALA A 260 3.00 9.81 1.53
C ALA A 260 3.29 8.42 2.01
N THR A 261 4.57 8.13 2.24
CA THR A 261 5.05 6.86 2.74
CA THR A 261 4.99 6.84 2.77
C THR A 261 5.89 7.09 4.00
N GLY A 262 5.75 6.22 4.97
CA GLY A 262 6.49 6.35 6.21
C GLY A 262 7.02 5.04 6.69
N THR A 263 8.20 5.07 7.30
CA THR A 263 8.82 3.87 7.88
C THR A 263 9.05 4.19 9.35
N LEU A 264 8.55 3.31 10.22
CA LEU A 264 8.62 3.50 11.66
C LEU A 264 9.67 2.57 12.22
N TYR A 265 10.60 3.12 12.98
CA TYR A 265 11.63 2.32 13.63
C TYR A 265 11.66 2.50 15.13
N ASN A 266 12.00 1.43 15.83
CA ASN A 266 12.36 1.55 17.24
C ASN A 266 13.71 2.26 17.28
N ARG A 267 13.95 3.00 18.35
CA ARG A 267 15.25 3.70 18.51
C ARG A 267 16.43 2.73 18.40
N SER A 268 16.25 1.50 18.87
CA SER A 268 17.26 0.46 18.80
C SER A 268 17.52 -0.02 17.37
N GLY A 269 16.71 0.43 16.40
CA GLY A 269 17.02 0.21 14.99
C GLY A 269 16.08 -0.71 14.20
N GLU A 270 15.23 -1.44 14.89
CA GLU A 270 14.34 -2.39 14.25
C GLU A 270 13.28 -1.66 13.43
N LEU A 271 13.04 -2.17 12.24
CA LEU A 271 11.99 -1.61 11.39
C LEU A 271 10.68 -2.23 11.82
N VAL A 272 9.79 -1.38 12.33
CA VAL A 272 8.50 -1.82 12.91
C VAL A 272 7.43 -1.99 11.82
N CYS A 273 7.18 -0.93 11.05
CA CYS A 273 6.19 -0.99 10.01
C CYS A 273 6.53 -0.03 8.89
N ILE A 274 5.91 -0.30 7.73
CA ILE A 274 5.85 0.62 6.62
C ILE A 274 4.42 0.98 6.41
N ALA A 275 4.14 2.25 6.12
CA ALA A 275 2.78 2.67 5.76
C ALA A 275 2.77 3.65 4.61
N THR A 276 1.69 3.64 3.85
CA THR A 276 1.54 4.51 2.70
C THR A 276 0.07 4.98 2.64
N GLN A 277 -0.15 6.24 2.32
CA GLN A 277 -1.52 6.77 2.23
C GLN A 277 -1.56 7.85 1.19
N GLU A 278 -2.73 8.01 0.57
CA GLU A 278 -2.98 9.07 -0.36
C GLU A 278 -4.03 10.00 0.20
N GLY A 279 -3.73 11.28 0.18
CA GLY A 279 -4.61 12.34 0.62
C GLY A 279 -5.10 13.14 -0.56
N TYR A 280 -6.32 13.65 -0.47
CA TYR A 280 -6.97 14.44 -1.51
C TYR A 280 -7.17 15.84 -0.96
N PHE A 281 -6.71 16.85 -1.69
CA PHE A 281 -6.74 18.25 -1.27
C PHE A 281 -7.86 19.03 -2.01
N ALA A 282 -8.81 19.55 -1.26
CA ALA A 282 -9.97 20.22 -1.87
C ALA A 282 -9.53 21.43 -2.69
N GLU A 283 -10.12 21.59 -3.87
CA GLU A 283 -9.70 22.51 -4.96
C GLU A 283 -9.62 23.97 -4.57
N MET B 3 0.19 -20.28 -24.23
CA MET B 3 0.93 -19.37 -23.32
C MET B 3 0.64 -17.89 -23.65
N ILE B 4 0.83 -17.02 -22.66
CA ILE B 4 0.86 -15.56 -22.88
C ILE B 4 2.30 -15.21 -23.24
N SER B 5 2.53 -14.86 -24.50
CA SER B 5 3.90 -14.65 -24.97
C SER B 5 4.07 -13.39 -25.82
N THR B 6 3.00 -12.87 -26.41
CA THR B 6 3.08 -11.62 -27.15
C THR B 6 2.37 -10.50 -26.39
N LEU B 7 2.58 -9.27 -26.84
CA LEU B 7 1.91 -8.12 -26.26
C LEU B 7 0.42 -8.16 -26.60
N GLU B 8 0.09 -8.59 -27.81
CA GLU B 8 -1.32 -8.78 -28.17
C GLU B 8 -2.01 -9.77 -27.21
N ASP B 9 -1.31 -10.83 -26.78
CA ASP B 9 -1.85 -11.78 -25.78
C ASP B 9 -2.16 -11.10 -24.43
N VAL B 10 -1.30 -10.20 -23.99
CA VAL B 10 -1.57 -9.44 -22.76
C VAL B 10 -2.77 -8.52 -22.96
N LEU B 11 -2.84 -7.81 -24.08
CA LEU B 11 -4.02 -6.97 -24.35
C LEU B 11 -5.30 -7.80 -24.40
N SER B 12 -5.20 -9.03 -24.88
CA SER B 12 -6.36 -9.92 -24.97
C SER B 12 -6.88 -10.37 -23.60
N LEU B 13 -6.02 -10.48 -22.59
CA LEU B 13 -6.44 -10.70 -21.19
C LEU B 13 -7.47 -9.69 -20.71
N LEU B 14 -7.37 -8.47 -21.24
CA LEU B 14 -8.20 -7.33 -20.82
C LEU B 14 -9.56 -7.27 -21.51
N ASP B 15 -9.75 -8.09 -22.53
CA ASP B 15 -11.02 -8.16 -23.20
C ASP B 15 -11.90 -9.09 -22.35
N LEU B 16 -12.80 -8.49 -21.58
CA LEU B 16 -13.68 -9.22 -20.66
C LEU B 16 -15.06 -9.36 -21.30
N GLN B 17 -15.71 -10.51 -21.11
CA GLN B 17 -17.12 -10.72 -21.50
C GLN B 17 -17.99 -10.07 -20.43
N GLN B 18 -18.98 -9.26 -20.78
CA GLN B 18 -19.86 -8.74 -19.75
C GLN B 18 -21.07 -9.65 -19.69
N ILE B 19 -21.37 -10.16 -18.51
CA ILE B 19 -22.46 -11.10 -18.41
C ILE B 19 -23.65 -10.51 -17.68
N ASP B 20 -23.44 -9.35 -17.04
CA ASP B 20 -24.51 -8.65 -16.36
C ASP B 20 -24.08 -7.19 -16.18
N ASP B 21 -24.93 -6.37 -15.58
CA ASP B 21 -24.65 -4.95 -15.40
C ASP B 21 -23.29 -4.74 -14.73
N ALA B 22 -23.03 -5.46 -13.65
CA ALA B 22 -21.75 -5.28 -12.95
C ALA B 22 -21.01 -6.62 -12.76
N ALA B 23 -21.10 -7.46 -13.78
CA ALA B 23 -20.51 -8.80 -13.72
C ALA B 23 -19.81 -9.10 -15.05
N PHE B 24 -18.55 -9.49 -14.95
CA PHE B 24 -17.71 -9.69 -16.12
C PHE B 24 -16.96 -11.01 -16.00
N VAL B 25 -16.57 -11.58 -17.14
CA VAL B 25 -15.81 -12.81 -17.14
C VAL B 25 -14.50 -12.60 -17.92
N GLY B 26 -13.39 -13.00 -17.27
CA GLY B 26 -12.07 -12.95 -17.85
C GLY B 26 -11.61 -14.36 -18.06
N THR B 27 -10.69 -14.52 -18.99
CA THR B 27 -10.14 -15.83 -19.25
C THR B 27 -8.70 -15.70 -19.69
N GLN B 28 -8.06 -16.84 -19.90
CA GLN B 28 -6.61 -16.95 -20.10
C GLN B 28 -6.26 -18.36 -20.60
N PRO B 29 -5.10 -18.50 -21.27
CA PRO B 29 -4.66 -19.87 -21.58
C PRO B 29 -4.25 -20.61 -20.31
N ASP B 30 -4.42 -21.93 -20.30
CA ASP B 30 -3.86 -22.79 -19.26
C ASP B 30 -2.35 -22.64 -19.23
N THR B 31 -1.77 -22.66 -18.02
CA THR B 31 -0.32 -22.57 -17.81
C THR B 31 0.21 -24.00 -17.54
N PRO B 32 1.50 -24.15 -17.13
CA PRO B 32 1.95 -25.56 -16.98
C PRO B 32 1.48 -26.19 -15.67
N ASN B 33 1.62 -25.43 -14.58
CA ASN B 33 1.14 -25.80 -13.24
C ASN B 33 -0.29 -25.28 -12.95
N HIS B 34 -1.00 -24.85 -13.99
CA HIS B 34 -2.40 -24.36 -13.92
C HIS B 34 -2.63 -23.15 -12.98
N HIS B 35 -1.56 -22.44 -12.65
CA HIS B 35 -1.62 -21.30 -11.76
C HIS B 35 -1.90 -20.03 -12.59
N ILE B 36 -2.74 -19.15 -12.06
CA ILE B 36 -2.98 -17.83 -12.67
C ILE B 36 -2.15 -16.83 -11.88
N ILE B 37 -1.41 -15.98 -12.59
CA ILE B 37 -0.52 -15.04 -11.94
C ILE B 37 -1.26 -13.80 -11.52
N GLY B 38 -0.81 -13.21 -10.42
CA GLY B 38 -1.42 -12.01 -9.88
C GLY B 38 -1.50 -10.83 -10.81
N SER B 39 -0.50 -10.67 -11.68
CA SER B 39 -0.52 -9.58 -12.69
C SER B 39 -1.80 -9.64 -13.54
N GLN B 40 -2.22 -10.84 -13.91
CA GLN B 40 -3.42 -11.02 -14.75
C GLN B 40 -4.67 -10.62 -14.00
N VAL B 41 -4.79 -11.09 -12.77
CA VAL B 41 -6.00 -10.84 -11.97
C VAL B 41 -6.10 -9.34 -11.61
N ALA B 42 -4.98 -8.70 -11.26
CA ALA B 42 -4.98 -7.26 -11.01
C ALA B 42 -5.43 -6.48 -12.24
N ALA B 43 -4.88 -6.80 -13.40
CA ALA B 43 -5.20 -6.08 -14.62
C ALA B 43 -6.65 -6.28 -15.08
N GLN B 44 -7.14 -7.51 -14.94
CA GLN B 44 -8.52 -7.79 -15.34
C GLN B 44 -9.50 -7.16 -14.33
N ALA B 45 -9.18 -7.23 -13.01
CA ALA B 45 -10.05 -6.60 -12.03
C ALA B 45 -10.17 -5.12 -12.27
N LEU B 46 -9.07 -4.47 -12.62
CA LEU B 46 -9.07 -3.01 -12.85
C LEU B 46 -9.94 -2.66 -14.05
N MET B 47 -9.80 -3.43 -15.11
CA MET B 47 -10.65 -3.26 -16.29
C MET B 47 -12.14 -3.41 -15.93
N ALA B 48 -12.48 -4.45 -15.18
CA ALA B 48 -13.86 -4.63 -14.73
C ALA B 48 -14.33 -3.38 -14.02
N ALA B 49 -13.53 -2.90 -13.06
CA ALA B 49 -13.93 -1.75 -12.26
C ALA B 49 -14.09 -0.53 -13.11
N GLY B 50 -13.09 -0.28 -13.94
CA GLY B 50 -13.08 0.87 -14.85
C GLY B 50 -14.27 0.93 -15.76
N ARG B 51 -14.73 -0.22 -16.27
CA ARG B 51 -15.90 -0.22 -17.14
C ARG B 51 -17.18 0.22 -16.43
N THR B 52 -17.22 0.11 -15.09
CA THR B 52 -18.38 0.59 -14.34
C THR B 52 -18.23 2.05 -13.92
N THR B 53 -17.09 2.67 -14.24
CA THR B 53 -16.86 4.09 -13.91
C THR B 53 -16.39 4.81 -15.17
N PRO B 54 -17.21 4.79 -16.23
CA PRO B 54 -16.71 5.23 -17.53
C PRO B 54 -16.22 6.69 -17.53
N GLY B 55 -15.09 6.92 -18.17
CA GLY B 55 -14.55 8.27 -18.29
C GLY B 55 -13.88 8.83 -17.04
N ARG B 56 -13.72 8.02 -15.99
CA ARG B 56 -12.89 8.41 -14.85
C ARG B 56 -11.62 7.62 -14.95
N LEU B 57 -10.55 8.20 -14.43
CA LEU B 57 -9.21 7.60 -14.54
C LEU B 57 -8.85 6.85 -13.26
N ALA B 58 -8.31 5.65 -13.40
CA ALA B 58 -7.82 4.88 -12.29
C ALA B 58 -6.77 5.71 -11.52
N HIS B 59 -6.87 5.77 -10.19
CA HIS B 59 -5.83 6.36 -9.37
C HIS B 59 -5.20 5.45 -8.31
N SER B 60 -5.97 4.46 -7.85
CA SER B 60 -5.41 3.50 -6.93
C SER B 60 -6.17 2.17 -6.88
N MET B 61 -5.46 1.16 -6.43
CA MET B 61 -6.07 -0.14 -6.24
C MET B 61 -5.34 -0.95 -5.19
N HIS B 62 -6.12 -1.58 -4.32
CA HIS B 62 -5.61 -2.42 -3.24
C HIS B 62 -6.24 -3.78 -3.39
N MET B 63 -5.47 -4.85 -3.19
CA MET B 63 -6.04 -6.18 -3.30
C MET B 63 -5.32 -7.21 -2.45
N TYR B 64 -6.08 -8.25 -2.08
CA TYR B 64 -5.59 -9.46 -1.44
C TYR B 64 -5.88 -10.69 -2.30
N PHE B 65 -4.88 -11.54 -2.45
CA PHE B 65 -4.99 -12.79 -3.19
C PHE B 65 -5.30 -13.87 -2.18
N LEU B 66 -6.57 -14.26 -2.10
CA LEU B 66 -6.99 -15.20 -1.06
C LEU B 66 -6.69 -16.64 -1.42
N ARG B 67 -6.91 -17.00 -2.68
CA ARG B 67 -6.74 -18.38 -3.16
C ARG B 67 -6.17 -18.35 -4.58
N ARG B 68 -5.33 -19.31 -4.93
CA ARG B 68 -4.68 -19.34 -6.25
C ARG B 68 -5.71 -19.77 -7.29
N GLY B 69 -5.69 -19.15 -8.46
CA GLY B 69 -6.71 -19.45 -9.48
C GLY B 69 -6.34 -20.68 -10.25
N ASP B 70 -7.34 -21.37 -10.80
CA ASP B 70 -7.15 -22.49 -11.73
C ASP B 70 -7.17 -21.95 -13.17
N ALA B 71 -6.01 -21.93 -13.81
CA ALA B 71 -5.86 -21.43 -15.19
C ALA B 71 -6.74 -22.13 -16.24
N ARG B 72 -7.31 -23.29 -15.89
CA ARG B 72 -8.14 -24.04 -16.81
C ARG B 72 -9.58 -23.53 -16.84
N GLN B 73 -9.92 -22.61 -15.92
CA GLN B 73 -11.29 -22.09 -15.83
C GLN B 73 -11.29 -20.58 -15.97
N PRO B 74 -12.43 -20.00 -16.41
CA PRO B 74 -12.51 -18.54 -16.44
C PRO B 74 -12.68 -17.96 -15.03
N ILE B 75 -12.62 -16.65 -14.93
CA ILE B 75 -12.72 -15.93 -13.66
C ILE B 75 -13.86 -14.94 -13.78
N GLN B 76 -14.79 -14.97 -12.82
CA GLN B 76 -15.84 -13.96 -12.78
C GLN B 76 -15.47 -12.80 -11.86
N TYR B 77 -15.59 -11.59 -12.40
CA TYR B 77 -15.31 -10.37 -11.69
C TYR B 77 -16.65 -9.69 -11.40
N ASP B 78 -16.99 -9.63 -10.13
CA ASP B 78 -18.22 -8.96 -9.68
C ASP B 78 -17.83 -7.62 -9.08
N VAL B 79 -18.43 -6.55 -9.59
CA VAL B 79 -18.11 -5.19 -9.20
C VAL B 79 -19.29 -4.58 -8.42
N THR B 80 -18.98 -3.90 -7.32
CA THR B 80 -19.97 -3.24 -6.49
C THR B 80 -19.56 -1.78 -6.35
N PRO B 81 -20.44 -0.87 -6.77
CA PRO B 81 -20.13 0.53 -6.56
C PRO B 81 -20.22 0.92 -5.08
N LEU B 82 -19.19 1.59 -4.55
CA LEU B 82 -19.20 1.99 -3.14
C LEU B 82 -19.35 3.50 -2.92
N ARG B 83 -19.06 4.28 -3.95
CA ARG B 83 -19.08 5.73 -3.84
C ARG B 83 -18.99 6.31 -5.22
N ASP B 84 -19.79 7.35 -5.46
CA ASP B 84 -19.81 8.07 -6.72
C ASP B 84 -20.04 9.55 -6.52
N GLY B 85 -19.57 10.32 -7.48
CA GLY B 85 -19.79 11.78 -7.44
C GLY B 85 -18.70 12.55 -8.10
N GLY B 86 -18.55 13.80 -7.68
CA GLY B 86 -17.87 14.81 -8.48
C GLY B 86 -16.36 14.68 -8.57
N THR B 87 -15.76 13.92 -7.67
CA THR B 87 -14.31 13.82 -7.57
C THR B 87 -13.84 12.35 -7.72
N ILE B 88 -14.13 11.55 -6.72
CA ILE B 88 -13.65 10.17 -6.62
C ILE B 88 -14.81 9.21 -6.74
N SER B 89 -14.58 8.12 -7.47
CA SER B 89 -15.48 7.00 -7.52
C SER B 89 -14.80 5.73 -7.00
N SER B 90 -15.56 4.90 -6.31
CA SER B 90 -14.99 3.74 -5.59
C SER B 90 -15.70 2.45 -5.94
N ARG B 91 -14.92 1.38 -6.16
CA ARG B 91 -15.44 0.10 -6.60
C ARG B 91 -14.80 -1.05 -5.83
N ARG B 92 -15.63 -1.98 -5.39
CA ARG B 92 -15.18 -3.28 -4.91
C ARG B 92 -15.16 -4.21 -6.11
N VAL B 93 -14.14 -5.07 -6.20
CA VAL B 93 -14.12 -6.12 -7.21
C VAL B 93 -13.80 -7.42 -6.49
N THR B 94 -14.66 -8.43 -6.64
CA THR B 94 -14.40 -9.79 -6.13
C THR B 94 -14.21 -10.70 -7.35
N ALA B 95 -13.14 -11.49 -7.34
CA ALA B 95 -12.86 -12.45 -8.41
C ALA B 95 -13.19 -13.84 -7.87
N SER B 96 -13.92 -14.63 -8.67
CA SER B 96 -14.28 -15.98 -8.25
CA SER B 96 -14.38 -15.97 -8.26
C SER B 96 -14.27 -16.99 -9.41
N GLN B 97 -14.18 -18.26 -9.02
CA GLN B 97 -14.27 -19.41 -9.93
C GLN B 97 -15.22 -20.40 -9.27
N SER B 98 -16.35 -20.64 -9.93
CA SER B 98 -17.42 -21.49 -9.43
C SER B 98 -17.78 -21.22 -7.97
N GLY B 99 -17.94 -19.95 -7.63
CA GLY B 99 -18.35 -19.55 -6.27
C GLY B 99 -17.22 -19.48 -5.26
N VAL B 100 -16.03 -19.96 -5.63
CA VAL B 100 -14.86 -19.89 -4.77
C VAL B 100 -14.15 -18.56 -5.02
N VAL B 101 -14.09 -17.71 -3.98
CA VAL B 101 -13.49 -16.36 -4.11
C VAL B 101 -11.97 -16.45 -4.12
N LEU B 102 -11.34 -15.97 -5.19
CA LEU B 102 -9.88 -15.95 -5.33
C LEU B 102 -9.22 -14.71 -4.76
N PHE B 103 -9.94 -13.58 -4.76
CA PHE B 103 -9.29 -12.26 -4.71
C PHE B 103 -10.33 -11.21 -4.40
N GLU B 104 -9.97 -10.27 -3.54
CA GLU B 104 -10.84 -9.14 -3.23
C GLU B 104 -10.03 -7.87 -3.45
N ALA B 105 -10.61 -6.93 -4.18
CA ALA B 105 -9.93 -5.64 -4.41
C ALA B 105 -10.87 -4.49 -4.13
N LEU B 106 -10.27 -3.33 -3.90
CA LEU B 106 -10.94 -2.04 -3.80
C LEU B 106 -10.15 -1.09 -4.73
N ALA B 107 -10.85 -0.45 -5.66
CA ALA B 107 -10.21 0.39 -6.65
C ALA B 107 -10.82 1.77 -6.55
N SER B 108 -10.07 2.75 -6.98
CA SER B 108 -10.53 4.13 -6.89
C SER B 108 -10.15 4.89 -8.15
N PHE B 109 -11.06 5.76 -8.56
CA PHE B 109 -11.02 6.46 -9.84
C PHE B 109 -11.32 7.92 -9.60
N THR B 110 -10.71 8.79 -10.39
CA THR B 110 -10.86 10.21 -10.24
C THR B 110 -11.10 10.95 -11.55
N ILE B 111 -11.60 12.17 -11.45
CA ILE B 111 -11.61 13.09 -12.60
C ILE B 111 -10.21 13.65 -12.79
N ILE B 112 -9.92 14.16 -13.98
CA ILE B 112 -8.64 14.83 -14.21
C ILE B 112 -8.73 16.19 -13.54
N ALA B 113 -7.63 16.67 -12.97
CA ALA B 113 -7.62 18.01 -12.41
C ALA B 113 -6.20 18.52 -12.49
N ASP B 114 -6.04 19.77 -12.88
CA ASP B 114 -4.71 20.38 -12.91
C ASP B 114 -4.51 20.96 -11.53
N ASP B 115 -3.33 20.73 -10.96
CA ASP B 115 -3.04 21.17 -9.61
C ASP B 115 -1.51 21.02 -9.38
N VAL B 116 -1.06 21.02 -8.13
CA VAL B 116 0.36 20.85 -7.85
C VAL B 116 0.81 19.51 -8.47
N ASP B 117 1.88 19.53 -9.27
CA ASP B 117 2.42 18.31 -9.94
C ASP B 117 3.90 18.19 -9.60
N TRP B 118 4.21 17.39 -8.60
CA TRP B 118 5.56 17.25 -8.12
C TRP B 118 5.95 15.76 -8.03
N GLN B 119 7.22 15.47 -8.31
CA GLN B 119 7.77 14.14 -8.08
C GLN B 119 9.23 14.13 -7.73
N GLN B 120 9.67 13.06 -7.07
CA GLN B 120 11.08 12.79 -6.92
C GLN B 120 11.69 12.56 -8.30
N ARG B 121 13.01 12.77 -8.42
CA ARG B 121 13.70 12.55 -9.69
C ARG B 121 14.02 11.06 -9.86
N MET B 122 13.75 10.56 -11.05
CA MET B 122 14.16 9.23 -11.44
C MET B 122 15.64 9.08 -11.13
N PRO B 123 16.05 7.87 -10.69
CA PRO B 123 17.49 7.68 -10.44
C PRO B 123 18.32 7.73 -11.71
N ASP B 124 19.58 8.12 -11.55
CA ASP B 124 20.53 8.17 -12.66
C ASP B 124 21.10 6.76 -12.80
N VAL B 125 20.69 6.05 -13.84
CA VAL B 125 21.20 4.70 -14.09
C VAL B 125 21.64 4.56 -15.53
N ALA B 126 22.33 3.45 -15.83
CA ALA B 126 22.67 3.09 -17.18
C ALA B 126 21.42 2.91 -18.01
N GLY B 127 21.52 3.21 -19.30
CA GLY B 127 20.37 3.13 -20.18
C GLY B 127 20.17 1.70 -20.67
N PRO B 128 19.07 1.48 -21.43
CA PRO B 128 18.61 0.14 -21.78
C PRO B 128 19.64 -0.66 -22.61
N SER B 129 20.38 0.05 -23.47
CA SER B 129 21.34 -0.59 -24.37
C SER B 129 22.63 -1.00 -23.66
N ALA B 130 22.89 -0.41 -22.49
CA ALA B 130 24.06 -0.80 -21.69
C ALA B 130 23.81 -2.10 -20.93
N VAL B 131 22.55 -2.54 -20.92
CA VAL B 131 22.11 -3.64 -20.08
C VAL B 131 21.84 -4.87 -20.92
N HIS B 132 22.14 -6.04 -20.36
CA HIS B 132 21.86 -7.31 -21.05
C HIS B 132 20.37 -7.67 -20.95
N GLY B 133 19.83 -8.26 -21.99
CA GLY B 133 18.46 -8.77 -22.00
C GLY B 133 18.30 -9.96 -21.06
N LEU B 134 17.07 -10.13 -20.53
CA LEU B 134 16.81 -11.19 -19.57
C LEU B 134 17.03 -12.59 -20.17
N GLU B 135 16.64 -12.77 -21.43
CA GLU B 135 16.81 -14.04 -22.13
C GLU B 135 18.30 -14.45 -22.12
N ASP B 136 19.14 -13.49 -22.47
CA ASP B 136 20.59 -13.68 -22.52
C ASP B 136 21.17 -13.98 -21.14
N LEU B 137 20.73 -13.21 -20.15
CA LEU B 137 21.21 -13.41 -18.79
C LEU B 137 20.83 -14.79 -18.27
N LEU B 138 19.69 -15.32 -18.71
CA LEU B 138 19.20 -16.65 -18.28
C LEU B 138 19.62 -17.82 -19.18
N ALA B 139 20.23 -17.53 -20.34
CA ALA B 139 20.63 -18.58 -21.29
C ALA B 139 21.51 -19.68 -20.69
N PRO B 140 22.40 -19.32 -19.75
CA PRO B 140 23.22 -20.39 -19.20
C PRO B 140 22.41 -21.49 -18.49
N TYR B 141 21.18 -21.17 -18.08
CA TYR B 141 20.38 -22.10 -17.30
C TYR B 141 19.25 -22.73 -18.11
N ALA B 142 19.35 -22.68 -19.44
CA ALA B 142 18.28 -23.18 -20.31
C ALA B 142 17.82 -24.62 -19.98
N GLU B 143 18.76 -25.53 -19.71
CA GLU B 143 18.41 -26.93 -19.46
C GLU B 143 17.45 -27.06 -18.27
N GLU B 144 17.53 -26.12 -17.32
CA GLU B 144 16.63 -26.11 -16.17
C GLU B 144 15.20 -25.75 -16.54
N PHE B 145 15.02 -25.01 -17.64
CA PHE B 145 13.72 -24.51 -18.00
C PHE B 145 13.02 -25.45 -18.98
N GLN B 152 8.77 -16.48 -26.76
CA GLN B 152 8.70 -15.02 -26.86
C GLN B 152 8.06 -14.40 -25.62
N ARG B 153 8.29 -13.11 -25.42
CA ARG B 153 7.76 -12.42 -24.25
C ARG B 153 7.06 -11.14 -24.69
N PRO B 154 6.03 -10.73 -23.92
CA PRO B 154 5.32 -9.50 -24.25
C PRO B 154 6.17 -8.23 -24.05
N PHE B 155 7.15 -8.29 -23.15
CA PHE B 155 8.03 -7.16 -22.88
C PHE B 155 9.49 -7.56 -22.98
N THR B 156 10.29 -6.73 -23.65
CA THR B 156 11.74 -6.81 -23.56
C THR B 156 12.11 -6.31 -22.18
N MET B 157 12.93 -7.09 -21.46
CA MET B 157 13.39 -6.72 -20.11
C MET B 157 14.90 -6.74 -20.04
N ARG B 158 15.48 -5.62 -19.61
CA ARG B 158 16.92 -5.45 -19.45
C ARG B 158 17.20 -5.18 -17.98
N TYR B 159 17.83 -6.15 -17.33
CA TYR B 159 18.10 -6.14 -15.89
C TYR B 159 19.45 -5.48 -15.59
N LEU B 160 19.41 -4.34 -14.91
CA LEU B 160 20.62 -3.65 -14.42
C LEU B 160 21.27 -4.37 -13.23
N ASP B 161 20.51 -5.22 -12.54
CA ASP B 161 21.01 -6.01 -11.40
C ASP B 161 20.70 -7.46 -11.72
N ALA B 162 21.45 -8.39 -11.12
CA ALA B 162 21.27 -9.80 -11.47
C ALA B 162 19.83 -10.30 -11.23
N PRO B 163 19.23 -10.97 -12.23
CA PRO B 163 17.99 -11.72 -11.97
C PRO B 163 18.15 -12.80 -10.88
N PRO B 164 17.05 -13.23 -10.26
CA PRO B 164 17.19 -14.19 -9.16
C PRO B 164 18.06 -15.42 -9.42
N ARG B 165 17.92 -16.05 -10.58
CA ARG B 165 18.68 -17.28 -10.86
C ARG B 165 20.18 -17.00 -10.95
N VAL B 166 20.54 -15.85 -11.51
CA VAL B 166 21.94 -15.43 -11.62
C VAL B 166 22.50 -15.08 -10.26
N ALA B 167 21.71 -14.34 -9.48
CA ALA B 167 22.10 -13.94 -8.14
C ALA B 167 22.35 -15.14 -7.27
N LEU B 168 21.60 -16.21 -7.50
CA LEU B 168 21.71 -17.42 -6.70
C LEU B 168 23.12 -18.02 -6.78
N ASP B 169 23.82 -17.84 -7.91
CA ASP B 169 25.20 -18.29 -8.05
C ASP B 169 26.22 -17.48 -7.22
N LEU B 170 25.87 -16.26 -6.82
CA LEU B 170 26.84 -15.40 -6.10
C LEU B 170 27.02 -15.88 -4.66
N SER B 171 28.24 -15.77 -4.15
CA SER B 171 28.55 -16.04 -2.73
C SER B 171 27.72 -15.17 -1.77
N ASP B 172 27.94 -13.85 -1.82
CA ASP B 172 27.15 -12.87 -1.06
C ASP B 172 25.95 -12.39 -1.90
N PRO B 173 24.71 -12.72 -1.47
CA PRO B 173 23.53 -12.18 -2.15
C PRO B 173 23.59 -10.66 -2.16
N PRO B 174 23.21 -10.01 -3.28
CA PRO B 174 23.36 -8.57 -3.42
C PRO B 174 22.31 -7.84 -2.59
N PRO B 175 22.36 -6.49 -2.56
CA PRO B 175 21.26 -5.79 -1.90
C PRO B 175 19.94 -6.14 -2.61
N PRO B 176 18.82 -6.22 -1.85
CA PRO B 176 17.51 -6.51 -2.49
C PRO B 176 17.01 -5.27 -3.21
N ARG B 177 17.66 -5.01 -4.34
CA ARG B 177 17.27 -3.92 -5.21
C ARG B 177 17.39 -4.42 -6.65
N LEU B 178 16.44 -4.01 -7.48
CA LEU B 178 16.40 -4.49 -8.85
C LEU B 178 15.83 -3.40 -9.73
N ARG B 179 16.63 -2.94 -10.68
CA ARG B 179 16.17 -2.00 -11.70
C ARG B 179 16.11 -2.73 -13.04
N ILE B 180 14.97 -2.61 -13.71
CA ILE B 180 14.70 -3.22 -14.98
C ILE B 180 14.20 -2.13 -15.94
N TRP B 181 14.85 -2.01 -17.10
CA TRP B 181 14.27 -1.28 -18.22
C TRP B 181 13.33 -2.24 -18.97
N LEU B 182 12.14 -1.77 -19.30
CA LEU B 182 11.10 -2.58 -19.95
C LEU B 182 10.60 -1.85 -21.20
N ARG B 183 10.30 -2.61 -22.24
CA ARG B 183 9.68 -2.04 -23.43
C ARG B 183 8.68 -3.03 -23.99
N ALA B 184 7.45 -2.55 -24.19
CA ALA B 184 6.41 -3.32 -24.82
C ALA B 184 6.87 -3.79 -26.21
N ASN B 185 6.72 -5.08 -26.48
CA ASN B 185 7.12 -5.64 -27.76
C ASN B 185 5.98 -5.52 -28.78
N GLY B 186 5.52 -4.28 -28.97
CA GLY B 186 4.33 -3.98 -29.77
C GLY B 186 3.65 -2.70 -29.28
N GLU B 187 2.52 -2.35 -29.89
CA GLU B 187 1.80 -1.11 -29.54
C GLU B 187 0.72 -1.39 -28.53
N VAL B 188 0.67 -0.57 -27.48
CA VAL B 188 -0.39 -0.67 -26.52
C VAL B 188 -1.52 0.24 -26.98
N THR B 189 -2.74 -0.27 -26.93
CA THR B 189 -3.93 0.51 -27.30
C THR B 189 -3.90 1.92 -26.71
N ASP B 190 -4.23 2.92 -27.53
CA ASP B 190 -4.26 4.31 -27.09
C ASP B 190 -5.60 4.56 -26.38
N ASP B 191 -5.71 4.04 -25.15
CA ASP B 191 -6.90 4.19 -24.31
C ASP B 191 -6.46 4.26 -22.83
N PRO B 192 -6.90 5.30 -22.09
CA PRO B 192 -6.41 5.48 -20.73
C PRO B 192 -6.64 4.29 -19.78
N LEU B 193 -7.78 3.61 -19.89
CA LEU B 193 -8.05 2.46 -19.04
C LEU B 193 -7.19 1.26 -19.43
N VAL B 194 -7.07 1.01 -20.71
CA VAL B 194 -6.13 -0.04 -21.15
C VAL B 194 -4.72 0.25 -20.65
N ASN B 195 -4.29 1.51 -20.79
CA ASN B 195 -2.95 1.94 -20.35
C ASN B 195 -2.73 1.60 -18.85
N SER B 196 -3.71 1.96 -18.02
CA SER B 196 -3.63 1.70 -16.58
C SER B 196 -3.61 0.22 -16.26
N CYS B 197 -4.41 -0.57 -16.98
CA CYS B 197 -4.43 -2.02 -16.79
C CYS B 197 -3.10 -2.69 -17.15
N VAL B 198 -2.43 -2.23 -18.22
CA VAL B 198 -1.11 -2.77 -18.61
C VAL B 198 -0.05 -2.34 -17.56
N VAL B 199 -0.14 -1.09 -17.09
CA VAL B 199 0.65 -0.64 -15.96
C VAL B 199 0.42 -1.54 -14.74
N ALA B 200 -0.84 -1.84 -14.43
CA ALA B 200 -1.12 -2.76 -13.33
C ALA B 200 -0.46 -4.13 -13.54
N TYR B 201 -0.56 -4.65 -14.76
CA TYR B 201 0.08 -5.93 -15.13
C TYR B 201 1.57 -5.95 -14.83
N LEU B 202 2.25 -4.95 -15.35
CA LEU B 202 3.68 -4.79 -15.13
C LEU B 202 4.02 -4.58 -13.66
N SER B 203 3.19 -3.85 -12.95
CA SER B 203 3.47 -3.47 -11.56
C SER B 203 3.63 -4.70 -10.66
N ALA B 204 3.03 -5.81 -11.02
CA ALA B 204 3.06 -7.02 -10.18
C ALA B 204 3.92 -8.17 -10.72
N LEU B 205 4.51 -7.96 -11.89
CA LEU B 205 5.07 -9.01 -12.65
C LEU B 205 6.42 -9.40 -12.14
N THR B 206 7.32 -8.44 -12.02
CA THR B 206 8.68 -8.70 -11.57
C THR B 206 8.92 -8.27 -10.11
N LEU B 207 7.92 -7.65 -9.49
CA LEU B 207 8.14 -6.88 -8.26
C LEU B 207 8.70 -7.71 -7.11
N LEU B 208 8.30 -8.99 -6.99
CA LEU B 208 8.84 -9.81 -5.90
C LEU B 208 10.28 -10.31 -6.11
N GLU B 209 10.83 -10.16 -7.31
CA GLU B 209 12.14 -10.76 -7.61
C GLU B 209 13.23 -10.24 -6.69
N CYS B 210 13.19 -8.96 -6.35
CA CYS B 210 14.20 -8.41 -5.46
C CYS B 210 14.18 -9.10 -4.07
N VAL B 211 13.01 -9.57 -3.60
CA VAL B 211 12.93 -10.38 -2.37
C VAL B 211 13.47 -11.81 -2.58
N MET B 212 13.17 -12.40 -3.74
CA MET B 212 13.53 -13.77 -3.97
C MET B 212 15.02 -13.98 -3.82
N THR B 213 15.79 -13.00 -4.28
CA THR B 213 17.22 -13.09 -4.20
C THR B 213 17.69 -13.16 -2.74
N THR B 214 17.11 -12.33 -1.87
CA THR B 214 17.48 -12.39 -0.46
C THR B 214 17.00 -13.72 0.14
N MET B 215 15.89 -14.25 -0.37
CA MET B 215 15.37 -15.51 0.14
C MET B 215 16.05 -16.75 -0.50
N ARG B 216 17.07 -16.52 -1.32
CA ARG B 216 17.81 -17.58 -2.02
C ARG B 216 16.89 -18.46 -2.86
N THR B 217 16.01 -17.81 -3.61
CA THR B 217 15.13 -18.51 -4.51
C THR B 217 14.86 -17.73 -5.81
N THR B 218 14.01 -18.30 -6.65
CA THR B 218 13.72 -17.76 -7.96
C THR B 218 12.24 -17.94 -8.21
N PRO B 219 11.71 -17.33 -9.29
CA PRO B 219 10.30 -17.57 -9.56
C PRO B 219 9.88 -19.02 -9.75
N VAL B 220 10.81 -19.93 -10.03
CA VAL B 220 10.46 -21.31 -10.28
C VAL B 220 11.02 -22.23 -9.19
N GLY B 221 11.50 -21.64 -8.10
CA GLY B 221 12.02 -22.42 -7.00
C GLY B 221 13.50 -22.18 -6.69
N PRO B 222 14.08 -22.94 -5.76
CA PRO B 222 13.43 -24.08 -5.06
C PRO B 222 12.31 -23.69 -4.09
N ARG B 223 12.46 -22.57 -3.39
CA ARG B 223 11.41 -22.13 -2.50
C ARG B 223 10.35 -21.34 -3.26
N LEU B 224 9.14 -21.87 -3.32
CA LEU B 224 8.08 -21.23 -4.07
C LEU B 224 7.49 -20.11 -3.22
N SER B 225 6.80 -19.22 -3.90
CA SER B 225 6.19 -18.06 -3.26
C SER B 225 4.81 -17.82 -3.84
N ALA B 226 4.01 -17.07 -3.08
CA ALA B 226 2.72 -16.56 -3.57
C ALA B 226 2.51 -15.12 -3.05
N LEU B 227 1.87 -14.26 -3.85
CA LEU B 227 1.55 -12.91 -3.38
C LEU B 227 0.43 -12.97 -2.35
N VAL B 228 0.53 -12.20 -1.28
CA VAL B 228 -0.55 -12.03 -0.31
C VAL B 228 -1.43 -10.87 -0.71
N ASP B 229 -0.80 -9.78 -1.11
CA ASP B 229 -1.50 -8.59 -1.51
C ASP B 229 -0.74 -7.88 -2.65
N HIS B 230 -1.33 -6.79 -3.12
CA HIS B 230 -0.72 -5.90 -4.11
C HIS B 230 -1.43 -4.55 -3.99
N THR B 231 -0.69 -3.49 -4.29
CA THR B 231 -1.16 -2.14 -4.11
C THR B 231 -0.55 -1.29 -5.19
N ILE B 232 -1.37 -0.46 -5.86
CA ILE B 232 -0.89 0.46 -6.93
C ILE B 232 -1.47 1.85 -6.79
N TRP B 233 -0.63 2.87 -6.92
CA TRP B 233 -1.08 4.23 -7.05
C TRP B 233 -0.64 4.76 -8.40
N PHE B 234 -1.61 5.13 -9.22
CA PHE B 234 -1.37 5.58 -10.60
C PHE B 234 -1.35 7.09 -10.61
N HIS B 235 -0.22 7.69 -10.96
CA HIS B 235 -0.13 9.14 -11.02
C HIS B 235 -0.05 9.77 -12.41
N ARG B 236 0.79 9.18 -13.26
CA ARG B 236 0.97 9.75 -14.61
C ARG B 236 0.92 8.65 -15.68
N ALA B 237 0.42 9.00 -16.87
CA ALA B 237 0.29 8.02 -17.96
C ALA B 237 1.61 7.38 -18.35
N ALA B 238 1.60 6.06 -18.51
CA ALA B 238 2.73 5.35 -19.05
C ALA B 238 2.85 5.68 -20.57
N ASP B 239 4.08 5.88 -21.03
CA ASP B 239 4.34 6.04 -22.46
C ASP B 239 4.95 4.75 -22.98
N PHE B 240 4.09 3.87 -23.47
CA PHE B 240 4.56 2.58 -23.97
C PHE B 240 5.25 2.62 -25.34
N THR B 241 5.36 3.78 -25.97
CA THR B 241 6.14 3.92 -27.22
C THR B 241 7.64 4.00 -26.94
N ASP B 242 8.06 3.85 -25.68
CA ASP B 242 9.48 3.97 -25.32
C ASP B 242 9.75 3.15 -24.05
N TRP B 243 11.03 3.07 -23.63
CA TRP B 243 11.39 2.28 -22.45
C TRP B 243 10.79 2.87 -21.18
N LEU B 244 10.54 1.99 -20.20
CA LEU B 244 10.17 2.41 -18.87
C LEU B 244 11.18 1.77 -17.89
N LEU B 245 11.47 2.48 -16.81
CA LEU B 245 12.34 1.98 -15.74
C LEU B 245 11.48 1.60 -14.55
N PHE B 246 11.60 0.35 -14.08
CA PHE B 246 10.93 -0.12 -12.86
C PHE B 246 12.04 -0.28 -11.79
N ASP B 247 12.07 0.66 -10.84
CA ASP B 247 13.05 0.72 -9.77
C ASP B 247 12.42 0.04 -8.54
N GLN B 248 12.91 -1.17 -8.25
CA GLN B 248 12.31 -2.03 -7.21
C GLN B 248 13.26 -2.28 -6.06
N PHE B 249 12.73 -2.28 -4.82
CA PHE B 249 13.55 -2.75 -3.67
C PHE B 249 12.72 -3.37 -2.54
N SER B 250 13.38 -4.05 -1.62
CA SER B 250 12.71 -4.52 -0.40
C SER B 250 13.29 -3.79 0.80
N PRO B 251 12.43 -3.17 1.61
CA PRO B 251 12.89 -2.56 2.85
C PRO B 251 13.00 -3.55 4.02
N SER B 252 12.31 -4.68 3.92
CA SER B 252 12.15 -5.58 5.06
C SER B 252 11.58 -6.92 4.67
N ILE B 253 12.15 -7.95 5.27
CA ILE B 253 11.75 -9.34 5.10
C ILE B 253 11.74 -10.00 6.48
N VAL B 254 10.63 -10.66 6.82
CA VAL B 254 10.52 -11.37 8.11
C VAL B 254 9.40 -12.38 8.11
N GLY B 255 9.50 -13.43 8.93
CA GLY B 255 8.33 -14.27 9.20
C GLY B 255 7.75 -15.03 8.01
N ARG B 256 8.63 -15.38 7.06
CA ARG B 256 8.31 -15.96 5.74
C ARG B 256 7.75 -14.97 4.75
N ARG B 257 7.69 -13.69 5.13
CA ARG B 257 7.16 -12.65 4.27
C ARG B 257 8.25 -11.70 3.81
N GLY B 258 8.12 -11.20 2.59
CA GLY B 258 9.00 -10.20 2.07
C GLY B 258 8.17 -9.10 1.42
N LEU B 259 8.49 -7.86 1.74
CA LEU B 259 7.79 -6.70 1.18
C LEU B 259 8.63 -6.08 0.05
N ALA B 260 8.00 -5.87 -1.08
CA ALA B 260 8.64 -5.29 -2.26
C ALA B 260 7.86 -4.07 -2.74
N THR B 261 8.62 -3.02 -3.08
CA THR B 261 8.07 -1.76 -3.55
CA THR B 261 8.03 -1.78 -3.54
C THR B 261 8.79 -1.35 -4.79
N GLY B 262 8.05 -0.77 -5.73
CA GLY B 262 8.59 -0.38 -7.01
C GLY B 262 8.02 0.92 -7.49
N THR B 263 8.85 1.67 -8.20
CA THR B 263 8.44 2.93 -8.81
C THR B 263 8.69 2.80 -10.30
N LEU B 264 7.65 2.98 -11.11
CA LEU B 264 7.74 2.90 -12.55
C LEU B 264 7.84 4.30 -13.15
N TYR B 265 8.83 4.50 -14.01
CA TYR B 265 9.08 5.80 -14.69
C TYR B 265 9.08 5.66 -16.22
N ASN B 266 8.58 6.67 -16.91
CA ASN B 266 8.81 6.76 -18.35
C ASN B 266 10.29 7.10 -18.57
N ARG B 267 10.86 6.71 -19.70
CA ARG B 267 12.24 7.08 -20.01
C ARG B 267 12.47 8.58 -19.89
N SER B 268 11.47 9.38 -20.30
CA SER B 268 11.55 10.84 -20.22
C SER B 268 11.50 11.37 -18.78
N GLY B 269 11.24 10.49 -17.82
CA GLY B 269 11.45 10.81 -16.41
C GLY B 269 10.19 10.90 -15.58
N GLU B 270 9.01 10.91 -16.20
CA GLU B 270 7.77 11.01 -15.44
C GLU B 270 7.59 9.76 -14.60
N LEU B 271 7.18 9.97 -13.35
CA LEU B 271 6.89 8.88 -12.43
C LEU B 271 5.46 8.45 -12.73
N VAL B 272 5.32 7.20 -13.18
CA VAL B 272 4.04 6.67 -13.66
C VAL B 272 3.18 6.16 -12.51
N CYS B 273 3.75 5.26 -11.73
CA CYS B 273 3.04 4.67 -10.60
C CYS B 273 4.04 4.18 -9.54
N ILE B 274 3.50 3.93 -8.36
CA ILE B 274 4.19 3.29 -7.26
C ILE B 274 3.35 2.04 -6.95
N ALA B 275 4.02 0.90 -6.67
CA ALA B 275 3.36 -0.35 -6.29
C ALA B 275 4.10 -1.03 -5.18
N THR B 276 3.36 -1.69 -4.31
CA THR B 276 3.94 -2.37 -3.17
C THR B 276 3.19 -3.71 -2.97
N GLN B 277 3.92 -4.77 -2.68
CA GLN B 277 3.27 -6.06 -2.46
C GLN B 277 4.06 -6.86 -1.45
N GLU B 278 3.38 -7.79 -0.79
CA GLU B 278 3.99 -8.69 0.14
C GLU B 278 3.80 -10.10 -0.39
N GLY B 279 4.89 -10.84 -0.46
CA GLY B 279 4.87 -12.22 -0.89
C GLY B 279 5.19 -13.11 0.30
N TYR B 280 4.65 -14.33 0.26
CA TYR B 280 4.82 -15.31 1.33
C TYR B 280 5.58 -16.51 0.76
N PHE B 281 6.57 -16.98 1.49
CA PHE B 281 7.42 -18.07 0.99
C PHE B 281 7.18 -19.31 1.84
N ALA B 282 6.65 -20.35 1.24
CA ALA B 282 6.31 -21.60 1.96
C ALA B 282 7.55 -22.25 2.53
N GLU B 283 7.39 -22.94 3.67
CA GLU B 283 8.50 -23.43 4.51
C GLU B 283 9.61 -24.22 3.79
N GLN B 284 10.83 -24.02 4.31
CA GLN B 284 12.07 -24.55 3.77
C GLN B 284 12.79 -25.34 4.85
#